data_9W7P
#
_entry.id   9W7P
#
_cell.length_a   36.391
_cell.length_b   50.465
_cell.length_c   130.588
_cell.angle_alpha   90
_cell.angle_beta   97.722
_cell.angle_gamma   90
#
_symmetry.space_group_name_H-M   'P 1 21 1'
#
loop_
_entity.id
_entity.type
_entity.pdbx_description
1 polymer 'Beta-lactamase SME-1'
2 non-polymer '(3~{R})-2-oxidanyl-3-(propanoylamino)-3,4-dihydro-1,2-benzoxaborinine-8-carboxylic acid'
3 non-polymer 'CHLORIDE ION'
4 water water
#
_entity_poly.entity_id   1
_entity_poly.type   'polypeptide(L)'
_entity_poly.pdbx_seq_one_letter_code
;NKSDAAAKQIKKLEEDFDGRIGVFAIDTGSGNTFGYRSDERFPLCSSFKGFLAAAVLERVQQKKLDINQKVKYESRDLEY
HSPITTKYKGSGMTLGDMASAALQYSDNGATNIIMERFLGGPEGMTKFMRSIGDNEFRLDRWELELNTAIPGDKRDTSTP
KAVANSLNKLALGNVLNAKVKAIYQNWLKGNTTGDARIRASVPADWVVGDKTGSCGAYGTANDYAVIWPKNRAPLIVSIY
TTRKSKDDKHSDKTIAEASRIAIQAID
;
_entity_poly.pdbx_strand_id   B,A
#
# COMPACT_ATOMS: atom_id res chain seq x y z
N ASN A 1 -3.49 -43.46 4.39
CA ASN A 1 -2.61 -44.40 5.15
C ASN A 1 -1.73 -43.63 6.14
N LYS A 2 -0.67 -42.99 5.61
CA LYS A 2 0.30 -42.22 6.38
C LYS A 2 -0.36 -40.96 6.94
N SER A 3 -1.41 -40.51 6.27
CA SER A 3 -2.19 -39.36 6.67
C SER A 3 -3.02 -39.66 7.92
N ASP A 4 -3.58 -40.88 7.98
CA ASP A 4 -4.47 -41.26 9.07
C ASP A 4 -3.67 -41.55 10.34
N ALA A 5 -2.54 -42.27 10.18
CA ALA A 5 -1.62 -42.51 11.28
C ALA A 5 -1.18 -41.17 11.89
N ALA A 6 -0.87 -40.18 11.03
CA ALA A 6 -0.35 -38.91 11.50
C ALA A 6 -1.39 -38.21 12.38
N ALA A 7 -2.66 -38.26 11.93
CA ALA A 7 -3.82 -37.71 12.61
C ALA A 7 -4.00 -38.29 14.01
N LYS A 8 -3.85 -39.62 14.14
CA LYS A 8 -3.92 -40.27 15.44
C LYS A 8 -2.79 -39.80 16.34
N GLN A 9 -1.61 -39.58 15.75
CA GLN A 9 -0.46 -39.09 16.48
C GLN A 9 -0.72 -37.67 17.00
N ILE A 10 -1.32 -36.78 16.20
CA ILE A 10 -1.56 -35.44 16.71
C ILE A 10 -2.62 -35.50 17.81
N LYS A 11 -3.67 -36.31 17.59
CA LYS A 11 -4.79 -36.39 18.51
C LYS A 11 -4.30 -36.79 19.90
N LYS A 12 -3.40 -37.78 19.93
CA LYS A 12 -2.80 -38.25 21.15
C LYS A 12 -1.87 -37.18 21.75
N LEU A 13 -1.17 -36.42 20.90
CA LEU A 13 -0.34 -35.33 21.39
C LEU A 13 -1.21 -34.29 22.12
N GLU A 14 -2.41 -34.01 21.60
CA GLU A 14 -3.16 -32.89 22.13
C GLU A 14 -3.85 -33.28 23.44
N GLU A 15 -4.12 -34.58 23.61
CA GLU A 15 -4.68 -35.08 24.84
C GLU A 15 -3.59 -35.14 25.90
N ASP A 16 -2.35 -35.45 25.46
CA ASP A 16 -1.19 -35.51 26.33
C ASP A 16 -0.90 -34.10 26.88
N PHE A 17 -1.17 -33.05 26.12
CA PHE A 17 -0.88 -31.77 26.74
C PHE A 17 -2.15 -31.02 27.12
N ASP A 18 -3.32 -31.67 27.00
CA ASP A 18 -4.58 -31.15 27.51
C ASP A 18 -4.94 -29.84 26.80
N GLY A 19 -4.97 -29.87 25.47
CA GLY A 19 -5.19 -28.65 24.71
C GLY A 19 -5.69 -29.00 23.32
N ARG A 20 -5.47 -28.08 22.37
CA ARG A 20 -5.90 -28.24 20.98
C ARG A 20 -4.73 -27.91 20.06
N ILE A 21 -4.48 -28.81 19.09
CA ILE A 21 -3.38 -28.63 18.13
C ILE A 21 -3.92 -28.52 16.71
N GLY A 22 -3.60 -27.41 16.04
CA GLY A 22 -3.95 -27.19 14.66
C GLY A 22 -2.72 -27.27 13.75
N VAL A 23 -2.83 -28.06 12.67
CA VAL A 23 -1.70 -28.33 11.79
C VAL A 23 -2.13 -28.18 10.33
N PHE A 24 -1.30 -27.51 9.54
CA PHE A 24 -1.37 -27.64 8.09
C PHE A 24 0.04 -27.66 7.51
N ALA A 25 0.33 -28.63 6.65
CA ALA A 25 1.65 -28.71 6.04
C ALA A 25 1.52 -28.99 4.55
N ILE A 26 2.42 -28.41 3.74
CA ILE A 26 2.36 -28.54 2.29
C ILE A 26 3.75 -28.96 1.83
N ASP A 27 3.84 -30.02 1.02
CA ASP A 27 5.04 -30.31 0.26
C ASP A 27 4.84 -29.71 -1.13
N THR A 28 5.58 -28.65 -1.46
CA THR A 28 5.36 -27.93 -2.72
C THR A 28 5.96 -28.68 -3.91
N GLY A 29 6.76 -29.73 -3.64
CA GLY A 29 7.38 -30.50 -4.71
C GLY A 29 6.46 -31.60 -5.23
N SER A 30 5.56 -32.08 -4.36
CA SER A 30 4.76 -33.25 -4.63
C SER A 30 3.27 -32.93 -4.51
N GLY A 31 2.93 -31.88 -3.76
CA GLY A 31 1.57 -31.39 -3.63
C GLY A 31 0.87 -32.00 -2.42
N ASN A 32 1.52 -32.96 -1.75
CA ASN A 32 0.91 -33.64 -0.61
C ASN A 32 0.70 -32.65 0.55
N THR A 33 -0.49 -32.75 1.15
CA THR A 33 -0.84 -31.92 2.29
C THR A 33 -1.25 -32.81 3.45
N PHE A 34 -1.12 -32.28 4.67
CA PHE A 34 -1.64 -32.88 5.88
C PHE A 34 -2.27 -31.77 6.70
N GLY A 35 -3.42 -32.09 7.30
CA GLY A 35 -4.26 -31.16 8.01
C GLY A 35 -4.81 -31.82 9.28
N TYR A 36 -4.79 -31.07 10.38
CA TYR A 36 -5.47 -31.50 11.58
C TYR A 36 -6.03 -30.24 12.22
N ARG A 37 -7.37 -30.19 12.31
CA ARG A 37 -8.07 -29.01 12.79
C ARG A 37 -7.68 -27.77 12.00
N SER A 38 -7.37 -27.96 10.70
CA SER A 38 -6.73 -26.93 9.90
C SER A 38 -7.71 -25.81 9.51
N ASP A 39 -9.02 -26.05 9.67
CA ASP A 39 -10.02 -25.03 9.41
C ASP A 39 -10.59 -24.45 10.70
N GLU A 40 -9.99 -24.79 11.85
CA GLU A 40 -10.47 -24.23 13.10
C GLU A 40 -9.71 -22.94 13.38
N ARG A 41 -10.30 -22.09 14.24
CA ARG A 41 -9.72 -20.79 14.58
C ARG A 41 -8.74 -20.96 15.73
N PHE A 42 -7.58 -20.29 15.62
CA PHE A 42 -6.57 -20.21 16.65
C PHE A 42 -6.10 -18.77 16.73
N PRO A 43 -5.76 -18.28 17.93
CA PRO A 43 -5.16 -16.95 18.08
C PRO A 43 -3.86 -16.86 17.29
N LEU A 44 -3.64 -15.71 16.66
CA LEU A 44 -2.45 -15.45 15.88
C LEU A 44 -1.26 -15.21 16.80
N CYS A 45 -1.49 -14.57 17.95
CA CYS A 45 -0.43 -13.95 18.76
C CYS A 45 0.49 -13.16 17.82
N SER A 46 1.81 -13.23 18.05
CA SER A 46 2.79 -12.46 17.31
C SER A 46 2.98 -12.96 15.87
N SER A 47 2.41 -14.14 15.54
CA SER A 47 2.68 -14.76 14.25
C SER A 47 2.28 -13.86 13.07
N PHE A 48 1.30 -12.97 13.23
CA PHE A 48 0.91 -12.09 12.14
C PHE A 48 2.00 -11.07 11.83
N LYS A 49 3.01 -10.92 12.71
CA LYS A 49 4.10 -9.99 12.45
C LYS A 49 4.85 -10.37 11.18
N GLY A 50 4.92 -11.66 10.90
CA GLY A 50 5.56 -12.14 9.69
C GLY A 50 4.82 -11.63 8.44
N PHE A 51 3.49 -11.49 8.55
CA PHE A 51 2.73 -10.99 7.43
C PHE A 51 2.85 -9.47 7.39
N LEU A 52 2.84 -8.81 8.54
CA LEU A 52 3.02 -7.38 8.60
C LEU A 52 4.29 -6.93 7.88
N ALA A 53 5.36 -7.73 8.01
CA ALA A 53 6.64 -7.47 7.39
C ALA A 53 6.48 -7.54 5.87
N ALA A 54 5.72 -8.53 5.40
CA ALA A 54 5.46 -8.68 3.98
C ALA A 54 4.68 -7.48 3.44
N ALA A 55 3.71 -6.97 4.23
CA ALA A 55 2.90 -5.83 3.82
C ALA A 55 3.75 -4.58 3.63
N VAL A 56 4.74 -4.42 4.53
CA VAL A 56 5.67 -3.31 4.44
C VAL A 56 6.42 -3.40 3.11
N LEU A 57 6.95 -4.58 2.82
CA LEU A 57 7.75 -4.82 1.65
C LEU A 57 6.89 -4.62 0.39
N GLU A 58 5.60 -4.99 0.46
CA GLU A 58 4.71 -4.72 -0.65
C GLU A 58 4.61 -3.22 -0.94
N ARG A 59 4.46 -2.41 0.11
CA ARG A 59 4.42 -0.96 -0.05
C ARG A 59 5.74 -0.43 -0.60
N VAL A 60 6.88 -0.93 -0.10
CA VAL A 60 8.22 -0.51 -0.53
C VAL A 60 8.37 -0.74 -2.04
N GLN A 61 7.90 -1.88 -2.51
CA GLN A 61 8.05 -2.33 -3.88
C GLN A 61 7.27 -1.41 -4.82
N GLN A 62 6.08 -0.97 -4.37
CA GLN A 62 5.25 0.03 -5.03
C GLN A 62 5.83 1.44 -4.88
N LYS A 63 6.87 1.62 -4.06
CA LYS A 63 7.58 2.88 -3.91
C LYS A 63 6.72 3.87 -3.14
N LYS A 64 5.63 3.42 -2.52
CA LYS A 64 4.93 4.23 -1.53
C LYS A 64 5.77 4.44 -0.28
N LEU A 65 6.73 3.52 -0.05
CA LEU A 65 7.63 3.58 1.08
C LEU A 65 9.05 3.31 0.59
N ASP A 66 10.03 3.92 1.26
CA ASP A 66 11.45 3.66 1.09
C ASP A 66 11.89 2.76 2.24
N ILE A 67 12.57 1.66 1.91
CA ILE A 67 13.10 0.74 2.91
C ILE A 67 14.08 1.47 3.85
N ASN A 68 14.67 2.59 3.41
CA ASN A 68 15.72 3.30 4.15
C ASN A 68 15.20 4.53 4.91
N GLN A 69 13.93 4.87 4.75
CA GLN A 69 13.41 6.07 5.40
C GLN A 69 13.50 5.91 6.91
N LYS A 70 13.78 7.02 7.60
CA LYS A 70 13.99 6.99 9.04
C LYS A 70 12.63 7.03 9.72
N VAL A 71 12.45 6.16 10.73
CA VAL A 71 11.27 6.19 11.59
C VAL A 71 11.69 6.64 13.00
N LYS A 72 11.18 7.81 13.42
CA LYS A 72 11.47 8.41 14.72
C LYS A 72 10.30 8.18 15.68
N TYR A 73 10.62 7.90 16.96
CA TYR A 73 9.65 7.57 17.99
C TYR A 73 10.22 7.90 19.37
N GLU A 74 10.96 9.02 19.44
CA GLU A 74 11.76 9.35 20.62
C GLU A 74 10.88 9.54 21.85
N SER A 75 9.63 9.97 21.69
CA SER A 75 8.79 10.28 22.85
C SER A 75 7.85 9.14 23.23
N ARG A 76 7.86 8.04 22.45
CA ARG A 76 6.87 6.99 22.59
C ARG A 76 7.06 6.20 23.89
N ASP A 77 5.94 5.90 24.56
CA ASP A 77 5.98 4.90 25.62
C ASP A 77 5.99 3.52 24.99
N LEU A 78 7.19 2.95 24.87
CA LEU A 78 7.38 1.69 24.16
C LEU A 78 6.70 0.55 24.89
N GLU A 79 5.94 -0.23 24.12
CA GLU A 79 5.21 -1.39 24.59
C GLU A 79 6.20 -2.42 25.14
N TYR A 80 5.72 -3.16 26.15
CA TYR A 80 6.36 -4.34 26.67
C TYR A 80 6.82 -5.26 25.54
N HIS A 81 7.99 -5.88 25.74
CA HIS A 81 8.66 -6.73 24.76
C HIS A 81 8.89 -5.95 23.46
N SER A 82 9.59 -4.82 23.60
CA SER A 82 10.19 -4.10 22.49
C SER A 82 11.72 -4.21 22.57
N PRO A 83 12.31 -5.43 22.48
CA PRO A 83 13.76 -5.58 22.70
C PRO A 83 14.61 -4.71 21.79
N ILE A 84 14.19 -4.59 20.53
CA ILE A 84 15.04 -3.93 19.55
C ILE A 84 14.77 -2.42 19.56
N THR A 85 13.49 -2.03 19.49
CA THR A 85 13.14 -0.63 19.40
C THR A 85 13.59 0.12 20.65
N THR A 86 13.66 -0.55 21.83
CA THR A 86 14.09 0.16 23.03
CA THR A 86 14.09 0.15 23.04
C THR A 86 15.55 0.60 22.90
N LYS A 87 16.40 -0.24 22.30
CA LYS A 87 17.78 0.16 22.09
C LYS A 87 17.96 1.35 21.14
N TYR A 88 17.08 1.56 20.15
CA TYR A 88 17.35 2.57 19.14
C TYR A 88 16.43 3.80 19.27
N LYS A 89 15.70 3.86 20.39
CA LYS A 89 14.72 4.90 20.70
C LYS A 89 15.27 6.31 20.43
N GLY A 90 16.51 6.58 20.85
CA GLY A 90 17.09 7.91 20.70
C GLY A 90 17.33 8.28 19.24
N SER A 91 17.74 7.31 18.41
CA SER A 91 18.22 7.65 17.07
C SER A 91 17.20 7.36 15.98
N GLY A 92 16.23 6.47 16.28
CA GLY A 92 15.31 6.03 15.24
C GLY A 92 15.88 4.82 14.51
N MET A 93 15.09 4.26 13.59
CA MET A 93 15.48 3.08 12.84
C MET A 93 14.96 3.26 11.42
N THR A 94 15.65 2.62 10.46
CA THR A 94 15.10 2.58 9.13
C THR A 94 13.81 1.75 9.15
N LEU A 95 12.94 2.02 8.17
CA LEU A 95 11.70 1.27 7.99
C LEU A 95 12.02 -0.23 7.82
N GLY A 96 13.01 -0.58 7.00
CA GLY A 96 13.39 -1.97 6.79
C GLY A 96 13.79 -2.67 8.10
N ASP A 97 14.52 -1.93 8.94
CA ASP A 97 15.03 -2.50 10.17
C ASP A 97 13.88 -2.69 11.17
N MET A 98 12.98 -1.69 11.24
CA MET A 98 11.82 -1.81 12.10
C MET A 98 10.96 -3.02 11.73
N ALA A 99 10.71 -3.21 10.44
CA ALA A 99 9.84 -4.30 9.99
C ALA A 99 10.50 -5.65 10.29
N SER A 100 11.82 -5.76 10.06
CA SER A 100 12.50 -7.03 10.31
C SER A 100 12.63 -7.33 11.81
N ALA A 101 12.72 -6.27 12.64
CA ALA A 101 12.71 -6.43 14.08
C ALA A 101 11.34 -6.95 14.54
N ALA A 102 10.24 -6.43 13.98
CA ALA A 102 8.92 -6.93 14.33
C ALA A 102 8.88 -8.43 14.06
N LEU A 103 9.54 -8.86 12.98
CA LEU A 103 9.46 -10.24 12.54
C LEU A 103 10.39 -11.10 13.38
N GLN A 104 11.66 -10.68 13.47
CA GLN A 104 12.74 -11.56 13.89
C GLN A 104 12.87 -11.54 15.42
N TYR A 105 12.32 -10.51 16.07
CA TYR A 105 12.38 -10.42 17.52
C TYR A 105 10.99 -10.25 18.11
N SER A 106 9.98 -10.19 17.25
CA SER A 106 8.60 -10.08 17.70
C SER A 106 8.42 -8.74 18.43
N ASP A 107 9.19 -7.73 18.03
CA ASP A 107 9.21 -6.43 18.67
C ASP A 107 7.84 -5.77 18.56
N ASN A 108 7.23 -5.47 19.72
CA ASN A 108 5.86 -4.96 19.76
C ASN A 108 5.83 -3.47 19.43
N GLY A 109 6.85 -2.73 19.86
CA GLY A 109 6.93 -1.31 19.53
C GLY A 109 6.97 -1.14 18.01
N ALA A 110 7.78 -1.98 17.38
CA ALA A 110 7.95 -1.97 15.93
C ALA A 110 6.58 -2.24 15.29
N THR A 111 5.91 -3.28 15.79
CA THR A 111 4.62 -3.68 15.27
C THR A 111 3.64 -2.52 15.32
N ASN A 112 3.44 -1.93 16.52
CA ASN A 112 2.41 -0.92 16.66
C ASN A 112 2.79 0.33 15.86
N ILE A 113 4.08 0.70 15.84
CA ILE A 113 4.47 1.90 15.09
C ILE A 113 4.14 1.70 13.61
N ILE A 114 4.44 0.51 13.09
CA ILE A 114 4.24 0.27 11.67
C ILE A 114 2.75 0.27 11.35
N MET A 115 1.92 -0.32 12.23
CA MET A 115 0.49 -0.37 12.01
C MET A 115 -0.16 1.01 12.14
N GLU A 116 0.34 1.86 13.04
CA GLU A 116 -0.25 3.20 13.14
C GLU A 116 0.18 4.10 11.96
N ARG A 117 1.39 3.93 11.43
CA ARG A 117 1.90 4.95 10.53
C ARG A 117 1.78 4.56 9.05
N PHE A 118 1.76 3.28 8.72
CA PHE A 118 2.04 2.86 7.38
C PHE A 118 1.05 1.83 6.90
N LEU A 119 0.33 1.17 7.81
CA LEU A 119 -0.49 0.05 7.36
C LEU A 119 -1.97 0.29 7.54
N GLY A 120 -2.35 1.38 8.23
CA GLY A 120 -3.75 1.66 8.52
C GLY A 120 -4.30 0.76 9.63
N GLY A 121 -3.47 0.42 10.61
CA GLY A 121 -3.96 -0.27 11.80
C GLY A 121 -4.40 -1.70 11.50
N PRO A 122 -5.01 -2.39 12.49
CA PRO A 122 -5.49 -3.76 12.30
C PRO A 122 -6.35 -3.94 11.07
N GLU A 123 -7.29 -3.01 10.82
CA GLU A 123 -8.17 -3.12 9.65
C GLU A 123 -7.31 -3.15 8.37
N GLY A 124 -6.30 -2.28 8.28
CA GLY A 124 -5.41 -2.26 7.12
C GLY A 124 -4.63 -3.55 6.96
N MET A 125 -4.06 -4.05 8.07
CA MET A 125 -3.41 -5.35 8.08
C MET A 125 -4.37 -6.42 7.55
N THR A 126 -5.63 -6.37 7.99
CA THR A 126 -6.62 -7.33 7.54
C THR A 126 -6.88 -7.18 6.05
N LYS A 127 -7.00 -5.92 5.59
CA LYS A 127 -7.18 -5.66 4.16
C LYS A 127 -6.03 -6.23 3.35
N PHE A 128 -4.81 -6.10 3.85
CA PHE A 128 -3.68 -6.63 3.10
C PHE A 128 -3.89 -8.13 2.86
N MET A 129 -4.32 -8.84 3.91
CA MET A 129 -4.49 -10.29 3.81
C MET A 129 -5.63 -10.65 2.85
N ARG A 130 -6.76 -9.92 2.93
CA ARG A 130 -7.82 -10.11 1.96
C ARG A 130 -7.28 -9.97 0.54
N SER A 131 -6.34 -9.04 0.33
CA SER A 131 -5.88 -8.71 -1.01
C SER A 131 -5.05 -9.85 -1.62
N ILE A 132 -4.54 -10.77 -0.79
CA ILE A 132 -3.79 -11.86 -1.37
C ILE A 132 -4.70 -13.09 -1.43
N GLY A 133 -5.97 -12.93 -1.07
CA GLY A 133 -6.91 -14.03 -1.10
C GLY A 133 -6.90 -14.86 0.18
N ASP A 134 -6.56 -14.23 1.33
CA ASP A 134 -6.75 -14.87 2.62
C ASP A 134 -8.05 -14.37 3.23
N ASN A 135 -9.04 -15.27 3.34
CA ASN A 135 -10.37 -14.86 3.82
C ASN A 135 -10.58 -15.21 5.29
N GLU A 136 -9.66 -15.97 5.89
CA GLU A 136 -9.83 -16.41 7.28
C GLU A 136 -9.20 -15.43 8.29
N PHE A 137 -8.03 -14.88 7.95
CA PHE A 137 -7.28 -14.01 8.83
C PHE A 137 -8.14 -12.81 9.29
N ARG A 138 -8.03 -12.46 10.56
CA ARG A 138 -8.56 -11.17 11.00
C ARG A 138 -7.70 -10.66 12.15
N LEU A 139 -7.30 -9.40 12.01
CA LEU A 139 -6.66 -8.70 13.10
C LEU A 139 -7.62 -7.60 13.54
N ASP A 140 -7.93 -7.57 14.84
CA ASP A 140 -8.95 -6.65 15.35
C ASP A 140 -8.31 -5.60 16.25
N ARG A 141 -7.22 -5.97 16.95
CA ARG A 141 -6.71 -5.13 18.02
C ARG A 141 -5.22 -4.89 17.84
N TRP A 142 -4.65 -4.09 18.76
CA TRP A 142 -3.27 -3.64 18.73
C TRP A 142 -2.47 -4.50 19.71
N GLU A 143 -1.12 -4.36 19.68
CA GLU A 143 -0.32 -4.86 20.79
C GLU A 143 -0.66 -4.02 22.04
N LEU A 144 -0.83 -4.66 23.20
CA LEU A 144 -0.60 -6.07 23.41
C LEU A 144 -1.94 -6.78 23.62
N GLU A 145 -3.05 -6.02 23.53
CA GLU A 145 -4.41 -6.46 23.81
C GLU A 145 -4.76 -7.66 22.93
N LEU A 146 -4.07 -7.79 21.79
CA LEU A 146 -4.43 -8.80 20.81
C LEU A 146 -4.02 -10.22 21.24
N ASN A 147 -3.18 -10.32 22.29
CA ASN A 147 -2.66 -11.60 22.78
C ASN A 147 -3.54 -12.24 23.87
N THR A 148 -4.70 -11.65 24.18
CA THR A 148 -5.49 -12.20 25.28
C THR A 148 -5.79 -13.70 25.09
N ALA A 149 -6.17 -14.15 23.89
CA ALA A 149 -6.35 -15.57 23.57
C ALA A 149 -7.45 -16.25 24.43
N ILE A 150 -8.55 -15.54 24.65
CA ILE A 150 -9.63 -16.06 25.47
C ILE A 150 -10.39 -17.13 24.67
N PRO A 151 -10.63 -18.35 25.21
CA PRO A 151 -11.47 -19.35 24.54
C PRO A 151 -12.77 -18.73 24.03
N GLY A 152 -13.11 -19.00 22.77
CA GLY A 152 -14.36 -18.55 22.18
C GLY A 152 -14.25 -17.21 21.44
N ASP A 153 -13.20 -16.43 21.72
CA ASP A 153 -12.99 -15.12 21.12
C ASP A 153 -12.39 -15.34 19.74
N LYS A 154 -13.04 -14.77 18.73
CA LYS A 154 -12.62 -14.93 17.34
C LYS A 154 -11.74 -13.77 16.90
N ARG A 155 -11.63 -12.73 17.73
CA ARG A 155 -10.77 -11.61 17.39
C ARG A 155 -9.33 -12.11 17.22
N ASP A 156 -8.62 -11.55 16.23
CA ASP A 156 -7.18 -11.77 16.13
C ASP A 156 -6.87 -13.26 15.93
N THR A 157 -7.69 -13.91 15.09
CA THR A 157 -7.49 -15.33 14.86
C THR A 157 -7.27 -15.57 13.37
N SER A 158 -6.75 -16.74 13.03
CA SER A 158 -6.77 -17.27 11.68
C SER A 158 -6.94 -18.78 11.80
N THR A 159 -6.70 -19.53 10.72
CA THR A 159 -6.73 -20.98 10.77
C THR A 159 -5.36 -21.48 10.30
N PRO A 160 -4.94 -22.69 10.68
CA PRO A 160 -3.66 -23.24 10.23
C PRO A 160 -3.52 -23.28 8.70
N LYS A 161 -4.61 -23.63 8.02
CA LYS A 161 -4.58 -23.77 6.57
C LYS A 161 -4.34 -22.41 5.89
N ALA A 162 -5.13 -21.41 6.28
CA ALA A 162 -5.03 -20.06 5.72
C ALA A 162 -3.63 -19.47 5.97
N VAL A 163 -3.10 -19.73 7.17
CA VAL A 163 -1.77 -19.27 7.51
C VAL A 163 -0.78 -19.91 6.53
N ALA A 164 -0.87 -21.22 6.33
CA ALA A 164 0.02 -21.97 5.47
C ALA A 164 -0.05 -21.46 4.03
N ASN A 165 -1.28 -21.33 3.51
CA ASN A 165 -1.54 -20.85 2.17
C ASN A 165 -1.02 -19.43 2.00
N SER A 166 -1.30 -18.56 2.98
CA SER A 166 -0.78 -17.20 2.92
C SER A 166 0.75 -17.16 2.86
N LEU A 167 1.42 -17.96 3.72
CA LEU A 167 2.88 -17.93 3.76
C LEU A 167 3.44 -18.39 2.40
N ASN A 168 2.81 -19.42 1.83
CA ASN A 168 3.20 -19.94 0.54
C ASN A 168 3.16 -18.81 -0.51
N LYS A 169 2.06 -18.06 -0.55
CA LYS A 169 1.88 -16.98 -1.52
C LYS A 169 2.96 -15.91 -1.36
N LEU A 170 3.33 -15.62 -0.11
CA LEU A 170 4.17 -14.48 0.17
C LEU A 170 5.63 -14.85 0.08
N ALA A 171 5.99 -16.04 0.58
CA ALA A 171 7.37 -16.46 0.73
C ALA A 171 7.87 -17.13 -0.54
N LEU A 172 6.96 -17.78 -1.28
CA LEU A 172 7.30 -18.62 -2.42
C LEU A 172 6.57 -18.18 -3.70
N GLY A 173 5.52 -17.36 -3.60
CA GLY A 173 4.69 -16.99 -4.73
C GLY A 173 5.03 -15.61 -5.32
N ASN A 174 4.03 -14.91 -5.86
CA ASN A 174 4.31 -13.78 -6.72
C ASN A 174 3.75 -12.45 -6.22
N VAL A 175 3.43 -12.33 -4.94
CA VAL A 175 2.99 -11.05 -4.41
C VAL A 175 4.17 -10.07 -4.34
N LEU A 176 5.34 -10.58 -3.96
CA LEU A 176 6.55 -9.76 -3.93
C LEU A 176 7.35 -10.12 -5.18
N ASN A 177 7.93 -9.11 -5.84
CA ASN A 177 8.79 -9.41 -6.98
C ASN A 177 10.04 -10.14 -6.48
N ALA A 178 10.83 -10.67 -7.43
CA ALA A 178 12.02 -11.47 -7.17
C ALA A 178 12.94 -10.84 -6.11
N LYS A 179 13.23 -9.55 -6.24
CA LYS A 179 14.20 -8.88 -5.39
C LYS A 179 13.65 -8.74 -3.97
N VAL A 180 12.39 -8.30 -3.86
CA VAL A 180 11.77 -8.03 -2.57
C VAL A 180 11.40 -9.34 -1.87
N LYS A 181 11.02 -10.36 -2.65
CA LYS A 181 10.77 -11.67 -2.08
C LYS A 181 12.05 -12.21 -1.43
N ALA A 182 13.21 -12.00 -2.08
CA ALA A 182 14.46 -12.48 -1.52
C ALA A 182 14.74 -11.83 -0.16
N ILE A 183 14.41 -10.54 -0.01
CA ILE A 183 14.57 -9.85 1.27
C ILE A 183 13.66 -10.49 2.32
N TYR A 184 12.41 -10.75 1.90
CA TYR A 184 11.42 -11.32 2.81
C TYR A 184 11.91 -12.66 3.33
N GLN A 185 12.44 -13.51 2.44
CA GLN A 185 12.94 -14.82 2.80
C GLN A 185 14.09 -14.70 3.79
N ASN A 186 14.99 -13.73 3.58
CA ASN A 186 16.13 -13.56 4.45
C ASN A 186 15.69 -13.06 5.83
N TRP A 187 14.68 -12.20 5.89
CA TRP A 187 14.07 -11.84 7.16
C TRP A 187 13.54 -13.09 7.87
N LEU A 188 12.82 -13.95 7.15
CA LEU A 188 12.26 -15.16 7.77
C LEU A 188 13.38 -16.10 8.25
N LYS A 189 14.41 -16.29 7.43
CA LYS A 189 15.56 -17.13 7.78
C LYS A 189 16.29 -16.58 9.00
N GLY A 190 16.25 -15.27 9.27
CA GLY A 190 16.94 -14.70 10.44
C GLY A 190 16.09 -14.64 11.73
N ASN A 191 14.86 -15.18 11.73
CA ASN A 191 14.03 -15.18 12.93
C ASN A 191 14.81 -15.78 14.11
N THR A 192 14.67 -15.19 15.31
CA THR A 192 15.51 -15.60 16.44
C THR A 192 14.72 -16.39 17.49
N THR A 193 13.39 -16.46 17.38
CA THR A 193 12.59 -16.92 18.52
C THR A 193 12.10 -18.38 18.35
N GLY A 194 12.60 -19.04 17.29
CA GLY A 194 11.97 -20.28 16.85
C GLY A 194 12.84 -21.51 17.06
N ASP A 195 13.90 -21.40 17.87
CA ASP A 195 14.88 -22.48 17.94
C ASP A 195 14.31 -23.79 18.49
N ALA A 196 13.30 -23.71 19.36
CA ALA A 196 12.76 -24.89 20.01
C ALA A 196 11.43 -25.35 19.38
N ARG A 197 11.03 -24.77 18.23
CA ARG A 197 9.76 -25.14 17.62
C ARG A 197 10.00 -25.93 16.34
N ILE A 198 9.62 -25.36 15.19
CA ILE A 198 9.73 -26.11 13.95
C ILE A 198 11.20 -26.40 13.65
N ARG A 199 12.09 -25.44 13.93
CA ARG A 199 13.51 -25.64 13.66
C ARG A 199 14.03 -26.90 14.33
N ALA A 200 13.52 -27.19 15.54
CA ALA A 200 13.98 -28.33 16.31
C ALA A 200 13.50 -29.65 15.71
N SER A 201 12.63 -29.61 14.69
CA SER A 201 12.02 -30.81 14.14
C SER A 201 12.67 -31.28 12.82
N VAL A 202 13.73 -30.63 12.35
CA VAL A 202 14.29 -30.97 11.05
C VAL A 202 15.81 -31.08 11.11
N PRO A 203 16.45 -31.80 10.15
CA PRO A 203 17.91 -31.84 10.05
C PRO A 203 18.47 -30.42 10.07
N ALA A 204 19.62 -30.29 10.73
CA ALA A 204 20.30 -29.03 10.96
C ALA A 204 20.71 -28.35 9.66
N ASP A 205 20.90 -29.13 8.58
CA ASP A 205 21.39 -28.59 7.32
C ASP A 205 20.25 -28.19 6.38
N TRP A 206 19.00 -28.35 6.82
CA TRP A 206 17.87 -27.74 6.13
C TRP A 206 17.84 -26.25 6.48
N VAL A 207 17.45 -25.43 5.50
CA VAL A 207 17.32 -24.00 5.73
C VAL A 207 15.87 -23.75 6.13
N VAL A 208 15.67 -22.96 7.18
CA VAL A 208 14.35 -22.67 7.69
C VAL A 208 14.19 -21.16 7.88
N GLY A 209 13.03 -20.64 7.48
CA GLY A 209 12.56 -19.32 7.87
C GLY A 209 11.24 -19.49 8.62
N ASP A 210 11.06 -18.80 9.76
CA ASP A 210 9.85 -19.06 10.52
C ASP A 210 9.39 -17.79 11.20
N LYS A 211 8.17 -17.83 11.76
CA LYS A 211 7.74 -16.82 12.71
C LYS A 211 6.88 -17.46 13.80
N THR A 212 7.23 -17.16 15.06
CA THR A 212 6.60 -17.75 16.25
C THR A 212 5.59 -16.74 16.78
N GLY A 213 4.72 -17.23 17.65
CA GLY A 213 3.85 -16.41 18.48
C GLY A 213 3.69 -17.09 19.84
N SER A 214 3.60 -16.27 20.88
CA SER A 214 3.47 -16.68 22.26
C SER A 214 2.55 -15.69 22.95
N CYS A 215 1.27 -16.04 23.10
CA CYS A 215 0.29 -15.12 23.67
C CYS A 215 0.61 -14.84 25.14
N GLY A 216 1.24 -15.79 25.84
CA GLY A 216 1.43 -15.70 27.28
C GLY A 216 0.16 -15.97 28.11
N ALA A 217 -0.82 -16.68 27.53
CA ALA A 217 -2.03 -16.98 28.26
C ALA A 217 -2.71 -18.15 27.55
N TYR A 218 -3.43 -18.95 28.32
CA TYR A 218 -4.20 -20.08 27.79
C TYR A 218 -3.28 -21.03 27.02
N GLY A 219 -2.02 -21.17 27.49
CA GLY A 219 -1.05 -22.04 26.84
C GLY A 219 -1.04 -21.88 25.32
N THR A 220 -1.21 -20.63 24.85
CA THR A 220 -1.44 -20.38 23.43
C THR A 220 -0.13 -19.98 22.76
N ALA A 221 0.34 -20.80 21.82
CA ALA A 221 1.58 -20.51 21.10
C ALA A 221 1.56 -21.13 19.71
N ASN A 222 2.43 -20.64 18.81
CA ASN A 222 2.41 -21.15 17.45
C ASN A 222 3.74 -20.91 16.75
N ASP A 223 3.84 -21.47 15.55
CA ASP A 223 5.00 -21.35 14.68
C ASP A 223 4.54 -21.72 13.26
N TYR A 224 4.99 -20.92 12.27
CA TYR A 224 4.84 -21.28 10.87
C TYR A 224 6.20 -21.12 10.18
N ALA A 225 6.47 -21.95 9.17
CA ALA A 225 7.81 -21.98 8.58
C ALA A 225 7.73 -22.36 7.12
N VAL A 226 8.67 -21.78 6.36
CA VAL A 226 9.09 -22.28 5.06
C VAL A 226 10.40 -23.03 5.30
N ILE A 227 10.50 -24.19 4.65
CA ILE A 227 11.61 -25.09 4.86
C ILE A 227 12.16 -25.49 3.49
N TRP A 228 13.45 -25.19 3.26
CA TRP A 228 14.19 -25.61 2.07
C TRP A 228 15.04 -26.82 2.41
N PRO A 229 14.59 -28.08 2.12
CA PRO A 229 15.46 -29.25 2.31
C PRO A 229 16.55 -29.19 1.24
N LYS A 230 17.62 -29.93 1.46
CA LYS A 230 18.74 -29.93 0.53
C LYS A 230 18.32 -30.70 -0.71
N ASN A 231 18.48 -30.06 -1.89
CA ASN A 231 18.20 -30.61 -3.21
C ASN A 231 16.75 -31.12 -3.31
N ARG A 232 15.75 -30.24 -3.10
CA ARG A 232 14.37 -30.69 -3.05
C ARG A 232 13.44 -29.52 -2.80
N ALA A 233 12.20 -29.62 -3.29
CA ALA A 233 11.27 -28.51 -3.25
C ALA A 233 10.92 -28.12 -1.81
N PRO A 234 10.66 -26.82 -1.55
CA PRO A 234 10.28 -26.35 -0.21
C PRO A 234 9.01 -26.93 0.42
N LEU A 235 8.97 -26.95 1.77
CA LEU A 235 7.82 -27.37 2.54
C LEU A 235 7.26 -26.14 3.25
N ILE A 236 5.97 -26.14 3.54
CA ILE A 236 5.37 -25.12 4.39
C ILE A 236 4.71 -25.84 5.56
N VAL A 237 4.94 -25.33 6.79
CA VAL A 237 4.45 -25.95 8.00
C VAL A 237 3.83 -24.87 8.89
N SER A 238 2.60 -25.13 9.33
CA SER A 238 1.84 -24.20 10.15
C SER A 238 1.30 -24.92 11.39
N ILE A 239 1.74 -24.51 12.58
CA ILE A 239 1.46 -25.19 13.84
C ILE A 239 0.94 -24.17 14.85
N TYR A 240 -0.28 -24.43 15.36
CA TYR A 240 -1.04 -23.58 16.28
C TYR A 240 -1.53 -24.45 17.44
N THR A 241 -1.49 -23.90 18.68
CA THR A 241 -1.92 -24.62 19.88
C THR A 241 -2.60 -23.64 20.83
N THR A 242 -3.57 -24.15 21.61
CA THR A 242 -4.22 -23.45 22.71
C THR A 242 -4.40 -24.48 23.83
N ARG A 243 -4.60 -23.98 25.05
CA ARG A 243 -4.86 -24.82 26.22
C ARG A 243 -6.10 -24.31 26.96
N LYS A 244 -6.64 -25.15 27.85
CA LYS A 244 -7.94 -24.96 28.47
C LYS A 244 -7.97 -23.78 29.46
N SER A 245 -6.93 -23.66 30.30
CA SER A 245 -6.96 -22.71 31.41
C SER A 245 -6.04 -21.53 31.14
N LYS A 246 -6.36 -20.39 31.78
CA LYS A 246 -5.67 -19.11 31.61
C LYS A 246 -4.19 -19.23 31.95
N ASP A 247 -3.89 -20.01 33.00
CA ASP A 247 -2.57 -20.07 33.61
C ASP A 247 -1.71 -21.16 32.97
N ASP A 248 -2.32 -22.08 32.21
CA ASP A 248 -1.63 -23.11 31.43
C ASP A 248 -0.52 -22.45 30.60
N LYS A 249 0.67 -23.08 30.60
CA LYS A 249 1.82 -22.56 29.90
C LYS A 249 1.93 -23.25 28.55
N HIS A 250 2.62 -22.61 27.61
CA HIS A 250 2.68 -23.12 26.24
C HIS A 250 3.74 -24.22 26.24
N SER A 251 3.77 -25.03 25.17
CA SER A 251 4.68 -26.17 25.11
C SER A 251 5.48 -26.14 23.79
N ASP A 252 6.75 -25.66 23.83
CA ASP A 252 7.62 -25.67 22.67
C ASP A 252 7.78 -27.09 22.12
N LYS A 253 7.90 -28.06 23.02
CA LYS A 253 8.17 -29.44 22.67
C LYS A 253 6.99 -30.06 21.90
N THR A 254 5.76 -29.71 22.32
CA THR A 254 4.54 -30.11 21.62
C THR A 254 4.55 -29.57 20.18
N ILE A 255 4.91 -28.30 20.02
CA ILE A 255 4.94 -27.67 18.71
C ILE A 255 5.96 -28.39 17.84
N ALA A 256 7.15 -28.61 18.40
CA ALA A 256 8.22 -29.27 17.66
C ALA A 256 7.77 -30.68 17.26
N GLU A 257 7.07 -31.38 18.15
CA GLU A 257 6.69 -32.77 17.89
C GLU A 257 5.54 -32.80 16.87
N ALA A 258 4.63 -31.84 16.95
CA ALA A 258 3.57 -31.73 15.94
C ALA A 258 4.22 -31.47 14.57
N SER A 259 5.25 -30.63 14.56
CA SER A 259 6.03 -30.36 13.36
C SER A 259 6.61 -31.63 12.74
N ARG A 260 7.37 -32.39 13.55
CA ARG A 260 7.92 -33.69 13.18
C ARG A 260 6.83 -34.55 12.58
N ILE A 261 5.68 -34.65 13.25
CA ILE A 261 4.61 -35.48 12.75
C ILE A 261 4.08 -34.96 11.42
N ALA A 262 3.84 -33.65 11.32
CA ALA A 262 3.30 -33.13 10.07
C ALA A 262 4.27 -33.43 8.92
N ILE A 263 5.58 -33.25 9.16
CA ILE A 263 6.57 -33.35 8.10
C ILE A 263 6.63 -34.77 7.55
N GLN A 264 6.55 -35.75 8.46
CA GLN A 264 6.48 -37.17 8.14
C GLN A 264 5.28 -37.44 7.24
N ALA A 265 4.12 -36.84 7.58
CA ALA A 265 2.90 -37.09 6.85
C ALA A 265 3.00 -36.68 5.37
N ILE A 266 3.84 -35.68 5.03
CA ILE A 266 3.87 -35.09 3.70
C ILE A 266 5.11 -35.50 2.91
N ASP A 267 6.06 -36.23 3.51
CA ASP A 267 7.28 -36.55 2.79
C ASP A 267 7.10 -37.85 1.98
N ASN B 1 15.04 -3.54 -22.29
CA ASN B 1 14.47 -3.94 -23.61
C ASN B 1 13.21 -3.11 -23.89
N LYS B 2 12.09 -3.46 -23.21
CA LYS B 2 10.77 -2.87 -23.48
C LYS B 2 10.72 -1.41 -23.03
N SER B 3 11.57 -1.10 -22.05
CA SER B 3 11.75 0.24 -21.52
C SER B 3 12.42 1.15 -22.56
N ASP B 4 13.42 0.62 -23.28
CA ASP B 4 14.23 1.44 -24.17
C ASP B 4 13.46 1.70 -25.46
N ALA B 5 12.79 0.66 -25.98
CA ALA B 5 11.91 0.81 -27.13
C ALA B 5 10.84 1.87 -26.83
N ALA B 6 10.28 1.85 -25.62
CA ALA B 6 9.20 2.76 -25.26
C ALA B 6 9.70 4.21 -25.33
N ALA B 7 10.91 4.42 -24.80
CA ALA B 7 11.62 5.69 -24.77
C ALA B 7 11.83 6.24 -26.19
N LYS B 8 12.25 5.41 -27.14
CA LYS B 8 12.42 5.81 -28.52
C LYS B 8 11.07 6.20 -29.14
N GLN B 9 10.02 5.48 -28.77
CA GLN B 9 8.67 5.80 -29.22
C GLN B 9 8.24 7.16 -28.67
N ILE B 10 8.52 7.48 -27.40
CA ILE B 10 8.10 8.78 -26.90
C ILE B 10 8.91 9.87 -27.61
N LYS B 11 10.22 9.62 -27.78
CA LYS B 11 11.12 10.60 -28.37
C LYS B 11 10.64 11.01 -29.75
N LYS B 12 10.22 10.03 -30.53
CA LYS B 12 9.68 10.22 -31.86
C LYS B 12 8.34 10.95 -31.80
N LEU B 13 7.51 10.63 -30.79
CA LEU B 13 6.25 11.32 -30.58
C LEU B 13 6.50 12.81 -30.34
N GLU B 14 7.54 13.14 -29.58
CA GLU B 14 7.67 14.51 -29.13
C GLU B 14 8.24 15.37 -30.24
N GLU B 15 9.01 14.75 -31.14
CA GLU B 15 9.55 15.44 -32.30
C GLU B 15 8.43 15.64 -33.33
N ASP B 16 7.51 14.66 -33.40
CA ASP B 16 6.37 14.73 -34.30
C ASP B 16 5.46 15.90 -33.92
N PHE B 17 5.36 16.24 -32.65
CA PHE B 17 4.47 17.36 -32.39
C PHE B 17 5.27 18.60 -31.94
N ASP B 18 6.61 18.52 -32.07
CA ASP B 18 7.49 19.68 -31.86
C ASP B 18 7.35 20.22 -30.43
N GLY B 19 7.55 19.35 -29.45
CA GLY B 19 7.36 19.75 -28.07
C GLY B 19 8.16 18.83 -27.17
N ARG B 20 7.74 18.73 -25.91
CA ARG B 20 8.40 17.94 -24.90
C ARG B 20 7.37 17.10 -24.17
N ILE B 21 7.64 15.80 -24.02
CA ILE B 21 6.73 14.86 -23.38
C ILE B 21 7.41 14.22 -22.18
N GLY B 22 6.79 14.37 -21.00
CA GLY B 22 7.25 13.76 -19.76
C GLY B 22 6.29 12.66 -19.31
N VAL B 23 6.86 11.49 -18.99
CA VAL B 23 6.06 10.32 -18.65
C VAL B 23 6.62 9.66 -17.39
N PHE B 24 5.71 9.23 -16.51
CA PHE B 24 6.07 8.26 -15.48
C PHE B 24 4.88 7.34 -15.26
N ALA B 25 5.13 6.03 -15.28
CA ALA B 25 4.07 5.06 -15.04
C ALA B 25 4.52 4.00 -14.03
N ILE B 26 3.59 3.55 -13.18
CA ILE B 26 3.86 2.54 -12.16
C ILE B 26 2.87 1.40 -12.35
N ASP B 27 3.37 0.16 -12.39
CA ASP B 27 2.56 -1.02 -12.17
C ASP B 27 2.64 -1.36 -10.68
N THR B 28 1.52 -1.18 -9.96
CA THR B 28 1.54 -1.29 -8.51
C THR B 28 1.56 -2.76 -8.07
N GLY B 29 1.35 -3.70 -9.00
CA GLY B 29 1.38 -5.13 -8.68
C GLY B 29 2.80 -5.70 -8.67
N SER B 30 3.70 -5.11 -9.45
CA SER B 30 5.06 -5.61 -9.61
C SER B 30 6.09 -4.58 -9.16
N GLY B 31 5.69 -3.30 -9.19
CA GLY B 31 6.58 -2.20 -8.88
C GLY B 31 7.38 -1.74 -10.10
N ASN B 32 7.13 -2.37 -11.27
CA ASN B 32 7.76 -1.96 -12.53
C ASN B 32 7.39 -0.53 -12.90
N THR B 33 8.39 0.25 -13.30
CA THR B 33 8.20 1.64 -13.68
C THR B 33 8.81 1.90 -15.06
N PHE B 34 8.25 2.92 -15.75
CA PHE B 34 8.80 3.50 -16.95
C PHE B 34 8.79 5.01 -16.78
N GLY B 35 9.86 5.64 -17.26
CA GLY B 35 10.11 7.06 -17.11
C GLY B 35 10.71 7.65 -18.38
N TYR B 36 10.22 8.82 -18.79
CA TYR B 36 10.81 9.54 -19.89
C TYR B 36 10.71 11.02 -19.54
N ARG B 37 11.87 11.66 -19.37
CA ARG B 37 11.95 13.03 -18.87
C ARG B 37 11.18 13.17 -17.56
N SER B 38 11.20 12.11 -16.73
CA SER B 38 10.33 12.01 -15.57
C SER B 38 10.82 12.91 -14.42
N ASP B 39 12.07 13.37 -14.48
CA ASP B 39 12.60 14.28 -13.48
C ASP B 39 12.71 15.71 -14.00
N GLU B 40 12.16 15.97 -15.19
CA GLU B 40 12.14 17.31 -15.72
C GLU B 40 10.90 18.04 -15.21
N ARG B 41 10.95 19.38 -15.24
CA ARG B 41 9.86 20.21 -14.73
C ARG B 41 8.88 20.47 -15.86
N PHE B 42 7.59 20.39 -15.54
CA PHE B 42 6.50 20.72 -16.44
C PHE B 42 5.46 21.50 -15.65
N PRO B 43 4.79 22.47 -16.29
CA PRO B 43 3.70 23.20 -15.64
C PRO B 43 2.57 22.24 -15.22
N LEU B 44 2.02 22.49 -14.03
CA LEU B 44 0.96 21.68 -13.46
C LEU B 44 -0.35 21.95 -14.19
N CYS B 45 -0.58 23.21 -14.57
CA CYS B 45 -1.89 23.71 -14.96
C CYS B 45 -2.91 23.25 -13.92
N SER B 46 -4.11 22.85 -14.38
CA SER B 46 -5.22 22.49 -13.47
C SER B 46 -4.96 21.16 -12.74
N SER B 47 -3.92 20.41 -13.11
CA SER B 47 -3.72 19.07 -12.60
C SER B 47 -3.56 19.03 -11.08
N PHE B 48 -3.06 20.10 -10.47
CA PHE B 48 -2.91 20.12 -9.02
C PHE B 48 -4.27 20.18 -8.32
N LYS B 49 -5.35 20.44 -9.07
CA LYS B 49 -6.67 20.48 -8.44
C LYS B 49 -7.03 19.11 -7.85
N GLY B 50 -6.52 18.05 -8.47
CA GLY B 50 -6.72 16.70 -7.98
C GLY B 50 -6.06 16.50 -6.61
N PHE B 51 -4.94 17.19 -6.38
CA PHE B 51 -4.29 17.10 -5.09
C PHE B 51 -4.97 18.03 -4.10
N LEU B 52 -5.41 19.20 -4.55
CA LEU B 52 -6.15 20.12 -3.69
C LEU B 52 -7.39 19.45 -3.09
N ALA B 53 -8.05 18.60 -3.88
CA ALA B 53 -9.23 17.86 -3.46
C ALA B 53 -8.84 16.90 -2.32
N ALA B 54 -7.68 16.25 -2.48
CA ALA B 54 -7.19 15.34 -1.46
C ALA B 54 -6.89 16.11 -0.16
N ALA B 55 -6.33 17.33 -0.29
CA ALA B 55 -5.99 18.16 0.86
C ALA B 55 -7.23 18.51 1.66
N VAL B 56 -8.33 18.79 0.95
CA VAL B 56 -9.59 19.14 1.59
C VAL B 56 -10.04 17.93 2.39
N LEU B 57 -10.00 16.75 1.77
CA LEU B 57 -10.49 15.52 2.38
C LEU B 57 -9.60 15.16 3.58
N GLU B 58 -8.30 15.48 3.50
CA GLU B 58 -7.44 15.32 4.65
C GLU B 58 -7.89 16.22 5.81
N ARG B 59 -8.21 17.49 5.53
CA ARG B 59 -8.70 18.38 6.58
C ARG B 59 -10.02 17.86 7.15
N VAL B 60 -10.94 17.37 6.31
CA VAL B 60 -12.22 16.84 6.75
C VAL B 60 -12.01 15.68 7.72
N GLN B 61 -11.07 14.80 7.38
CA GLN B 61 -10.79 13.58 8.13
C GLN B 61 -10.25 13.93 9.51
N GLN B 62 -9.42 14.99 9.60
CA GLN B 62 -8.95 15.58 10.85
C GLN B 62 -10.04 16.39 11.56
N LYS B 63 -11.20 16.57 10.93
CA LYS B 63 -12.35 17.23 11.56
C LYS B 63 -12.08 18.73 11.73
N LYS B 64 -11.04 19.23 11.05
CA LYS B 64 -10.83 20.67 10.92
C LYS B 64 -11.90 21.27 10.02
N LEU B 65 -12.50 20.43 9.17
CA LEU B 65 -13.54 20.83 8.22
C LEU B 65 -14.63 19.75 8.23
N ASP B 66 -15.87 20.18 7.95
CA ASP B 66 -17.02 19.31 7.74
C ASP B 66 -17.28 19.28 6.24
N ILE B 67 -17.42 18.06 5.68
CA ILE B 67 -17.66 17.89 4.25
C ILE B 67 -18.97 18.57 3.83
N ASN B 68 -19.90 18.79 4.78
CA ASN B 68 -21.24 19.29 4.47
C ASN B 68 -21.40 20.78 4.82
N GLN B 69 -20.39 21.40 5.42
CA GLN B 69 -20.49 22.82 5.72
C GLN B 69 -20.71 23.63 4.44
N LYS B 70 -21.53 24.70 4.56
CA LYS B 70 -21.91 25.53 3.42
C LYS B 70 -20.78 26.52 3.17
N VAL B 71 -20.39 26.66 1.89
CA VAL B 71 -19.44 27.69 1.48
C VAL B 71 -20.16 28.74 0.62
N LYS B 72 -20.22 29.98 1.15
CA LYS B 72 -20.90 31.11 0.51
C LYS B 72 -19.90 32.05 -0.17
N TYR B 73 -20.28 32.58 -1.35
CA TYR B 73 -19.42 33.43 -2.17
C TYR B 73 -20.31 34.29 -3.06
N GLU B 74 -21.44 34.75 -2.53
CA GLU B 74 -22.44 35.48 -3.31
C GLU B 74 -21.85 36.75 -3.95
N SER B 75 -20.85 37.40 -3.30
CA SER B 75 -20.36 38.68 -3.80
C SER B 75 -19.10 38.54 -4.67
N ARG B 76 -18.59 37.31 -4.80
CA ARG B 76 -17.30 37.09 -5.46
C ARG B 76 -17.38 37.35 -6.96
N ASP B 77 -16.33 37.99 -7.47
CA ASP B 77 -16.09 38.10 -8.89
C ASP B 77 -15.55 36.78 -9.42
N LEU B 78 -16.42 35.92 -9.96
CA LEU B 78 -16.02 34.56 -10.32
C LEU B 78 -15.00 34.51 -11.46
N GLU B 79 -13.93 33.74 -11.25
CA GLU B 79 -12.87 33.54 -12.20
C GLU B 79 -13.42 32.84 -13.44
N TYR B 80 -12.80 33.14 -14.58
CA TYR B 80 -13.03 32.47 -15.84
C TYR B 80 -12.92 30.97 -15.65
N HIS B 81 -13.77 30.25 -16.39
CA HIS B 81 -13.92 28.79 -16.28
C HIS B 81 -14.23 28.40 -14.84
N SER B 82 -15.32 28.98 -14.32
CA SER B 82 -16.02 28.53 -13.14
C SER B 82 -17.38 27.94 -13.53
N PRO B 83 -17.45 26.88 -14.36
CA PRO B 83 -18.75 26.38 -14.83
C PRO B 83 -19.69 25.96 -13.70
N ILE B 84 -19.15 25.38 -12.64
CA ILE B 84 -20.01 24.84 -11.61
C ILE B 84 -20.36 25.92 -10.58
N THR B 85 -19.33 26.61 -10.08
CA THR B 85 -19.57 27.60 -9.05
C THR B 85 -20.46 28.74 -9.56
N THR B 86 -20.43 29.05 -10.88
CA THR B 86 -21.29 30.13 -11.39
CA THR B 86 -21.29 30.11 -11.42
C THR B 86 -22.76 29.75 -11.25
N LYS B 87 -23.10 28.48 -11.46
CA LYS B 87 -24.50 28.05 -11.27
C LYS B 87 -24.99 28.16 -9.82
N TYR B 88 -24.12 27.99 -8.81
CA TYR B 88 -24.63 27.91 -7.44
C TYR B 88 -24.28 29.15 -6.61
N LYS B 89 -23.81 30.21 -7.28
CA LYS B 89 -23.40 31.48 -6.68
C LYS B 89 -24.45 32.02 -5.71
N GLY B 90 -25.73 31.96 -6.07
CA GLY B 90 -26.81 32.45 -5.23
C GLY B 90 -26.97 31.67 -3.92
N SER B 91 -26.76 30.36 -3.96
CA SER B 91 -27.13 29.51 -2.82
C SER B 91 -25.92 29.03 -2.02
N GLY B 92 -24.73 29.05 -2.62
CA GLY B 92 -23.58 28.43 -2.00
C GLY B 92 -23.50 26.94 -2.32
N MET B 93 -22.43 26.28 -1.89
CA MET B 93 -22.19 24.88 -2.15
C MET B 93 -21.61 24.26 -0.89
N THR B 94 -21.84 22.95 -0.70
CA THR B 94 -21.13 22.29 0.37
C THR B 94 -19.64 22.28 0.01
N LEU B 95 -18.79 22.18 1.05
CA LEU B 95 -17.36 22.06 0.90
C LEU B 95 -17.03 20.85 0.02
N GLY B 96 -17.64 19.68 0.28
CA GLY B 96 -17.39 18.48 -0.49
C GLY B 96 -17.67 18.70 -1.99
N ASP B 97 -18.75 19.41 -2.28
CA ASP B 97 -19.19 19.63 -3.64
C ASP B 97 -18.26 20.61 -4.36
N MET B 98 -17.84 21.67 -3.66
CA MET B 98 -16.88 22.61 -4.20
C MET B 98 -15.54 21.92 -4.53
N ALA B 99 -15.04 21.07 -3.63
CA ALA B 99 -13.77 20.40 -3.87
C ALA B 99 -13.86 19.45 -5.06
N SER B 100 -14.98 18.72 -5.18
CA SER B 100 -15.14 17.77 -6.29
C SER B 100 -15.36 18.50 -7.63
N ALA B 101 -15.96 19.69 -7.58
CA ALA B 101 -16.09 20.56 -8.74
C ALA B 101 -14.72 21.00 -9.23
N ALA B 102 -13.83 21.38 -8.29
CA ALA B 102 -12.51 21.82 -8.68
C ALA B 102 -11.84 20.68 -9.44
N LEU B 103 -12.10 19.44 -8.98
CA LEU B 103 -11.44 18.28 -9.53
C LEU B 103 -12.09 17.89 -10.87
N GLN B 104 -13.40 17.72 -10.87
CA GLN B 104 -14.11 16.99 -11.92
C GLN B 104 -14.46 17.92 -13.07
N TYR B 105 -14.45 19.25 -12.82
CA TYR B 105 -14.75 20.20 -13.87
C TYR B 105 -13.63 21.24 -14.00
N SER B 106 -12.62 21.15 -13.12
CA SER B 106 -11.48 22.05 -13.17
C SER B 106 -11.95 23.47 -12.84
N ASP B 107 -13.01 23.59 -12.03
CA ASP B 107 -13.62 24.86 -11.69
C ASP B 107 -12.61 25.77 -10.96
N ASN B 108 -12.34 26.95 -11.54
CA ASN B 108 -11.30 27.84 -11.02
C ASN B 108 -11.80 28.62 -9.81
N GLY B 109 -13.07 28.98 -9.82
CA GLY B 109 -13.64 29.66 -8.65
C GLY B 109 -13.53 28.77 -7.42
N ALA B 110 -13.85 27.49 -7.62
CA ALA B 110 -13.79 26.50 -6.56
C ALA B 110 -12.35 26.42 -6.05
N THR B 111 -11.40 26.35 -6.99
CA THR B 111 -9.99 26.24 -6.66
C THR B 111 -9.58 27.41 -5.77
N ASN B 112 -9.81 28.64 -6.24
CA ASN B 112 -9.31 29.81 -5.52
C ASN B 112 -10.03 29.96 -4.19
N ILE B 113 -11.33 29.66 -4.14
CA ILE B 113 -12.06 29.81 -2.88
C ILE B 113 -11.46 28.87 -1.83
N ILE B 114 -11.19 27.65 -2.24
CA ILE B 114 -10.72 26.65 -1.30
C ILE B 114 -9.33 27.03 -0.82
N MET B 115 -8.46 27.53 -1.74
CA MET B 115 -7.12 27.93 -1.37
C MET B 115 -7.11 29.16 -0.46
N GLU B 116 -8.01 30.11 -0.68
CA GLU B 116 -8.01 31.29 0.19
C GLU B 116 -8.59 30.97 1.58
N ARG B 117 -9.56 30.06 1.70
CA ARG B 117 -10.27 29.97 2.96
C ARG B 117 -9.79 28.81 3.84
N PHE B 118 -9.25 27.74 3.25
CA PHE B 118 -9.15 26.49 3.98
C PHE B 118 -7.76 25.86 3.83
N LEU B 119 -7.00 26.26 2.82
CA LEU B 119 -5.75 25.56 2.58
C LEU B 119 -4.52 26.45 2.78
N GLY B 120 -4.71 27.76 3.00
CA GLY B 120 -3.60 28.68 3.20
C GLY B 120 -2.89 29.03 1.88
N GLY B 121 -3.64 29.12 0.79
CA GLY B 121 -3.10 29.62 -0.46
C GLY B 121 -2.07 28.67 -1.08
N PRO B 122 -1.37 29.10 -2.14
CA PRO B 122 -0.35 28.29 -2.82
C PRO B 122 0.67 27.68 -1.86
N GLU B 123 1.17 28.48 -0.90
CA GLU B 123 2.12 27.99 0.10
C GLU B 123 1.52 26.79 0.84
N GLY B 124 0.25 26.89 1.25
CA GLY B 124 -0.40 25.83 2.00
C GLY B 124 -0.55 24.57 1.16
N MET B 125 -1.00 24.75 -0.08
CA MET B 125 -1.09 23.64 -1.02
C MET B 125 0.30 22.97 -1.13
N THR B 126 1.34 23.77 -1.23
CA THR B 126 2.70 23.25 -1.33
C THR B 126 3.08 22.52 -0.04
N LYS B 127 2.74 23.08 1.12
CA LYS B 127 3.04 22.41 2.38
C LYS B 127 2.34 21.05 2.43
N PHE B 128 1.08 21.00 1.97
CA PHE B 128 0.38 19.72 1.99
C PHE B 128 1.20 18.67 1.23
N MET B 129 1.74 19.04 0.05
CA MET B 129 2.49 18.10 -0.77
C MET B 129 3.81 17.68 -0.08
N ARG B 130 4.52 18.64 0.50
CA ARG B 130 5.70 18.31 1.29
C ARG B 130 5.34 17.29 2.38
N SER B 131 4.13 17.41 2.96
CA SER B 131 3.77 16.58 4.10
C SER B 131 3.56 15.12 3.68
N ILE B 132 3.36 14.87 2.38
CA ILE B 132 3.18 13.49 1.97
C ILE B 132 4.48 12.98 1.35
N GLY B 133 5.54 13.79 1.44
CA GLY B 133 6.84 13.39 0.94
C GLY B 133 7.07 13.75 -0.53
N ASP B 134 6.35 14.75 -1.05
CA ASP B 134 6.55 15.22 -2.41
C ASP B 134 7.42 16.49 -2.36
N ASN B 135 8.66 16.37 -2.84
CA ASN B 135 9.63 17.44 -2.71
C ASN B 135 9.75 18.26 -3.99
N GLU B 136 9.13 17.79 -5.08
CA GLU B 136 9.28 18.44 -6.37
C GLU B 136 8.18 19.49 -6.60
N PHE B 137 6.95 19.16 -6.20
CA PHE B 137 5.79 20.01 -6.43
C PHE B 137 6.02 21.42 -5.87
N ARG B 138 5.61 22.43 -6.64
CA ARG B 138 5.51 23.77 -6.09
C ARG B 138 4.36 24.49 -6.77
N LEU B 139 3.49 25.06 -5.93
CA LEU B 139 2.50 25.98 -6.41
C LEU B 139 2.89 27.36 -5.87
N ASP B 140 2.98 28.36 -6.75
CA ASP B 140 3.47 29.66 -6.39
C ASP B 140 2.35 30.70 -6.53
N ARG B 141 1.42 30.49 -7.48
CA ARG B 141 0.46 31.53 -7.81
C ARG B 141 -0.97 30.99 -7.73
N TRP B 142 -1.95 31.86 -8.00
CA TRP B 142 -3.37 31.58 -7.91
C TRP B 142 -3.91 31.33 -9.32
N GLU B 143 -5.19 30.89 -9.42
CA GLU B 143 -5.88 30.96 -10.70
C GLU B 143 -6.10 32.44 -11.04
N LEU B 144 -5.88 32.83 -12.32
CA LEU B 144 -5.55 31.94 -13.41
C LEU B 144 -4.10 32.17 -13.85
N GLU B 145 -3.39 33.04 -13.10
CA GLU B 145 -2.01 33.47 -13.38
C GLU B 145 -1.11 32.23 -13.40
N LEU B 146 -1.53 31.13 -12.75
CA LEU B 146 -0.64 29.99 -12.59
C LEU B 146 -0.52 29.17 -13.88
N ASN B 147 -1.36 29.45 -14.89
CA ASN B 147 -1.40 28.70 -16.14
C ASN B 147 -0.54 29.32 -17.24
N THR B 148 0.20 30.39 -16.94
CA THR B 148 0.95 31.06 -18.01
C THR B 148 1.85 30.09 -18.78
N ALA B 149 2.57 29.18 -18.09
CA ALA B 149 3.35 28.11 -18.74
C ALA B 149 4.46 28.68 -19.64
N ILE B 150 5.13 29.73 -19.17
CA ILE B 150 6.25 30.32 -19.90
C ILE B 150 7.45 29.37 -19.89
N PRO B 151 8.05 29.00 -21.05
CA PRO B 151 9.30 28.22 -21.07
C PRO B 151 10.32 28.77 -20.08
N GLY B 152 10.92 27.87 -19.27
CA GLY B 152 11.99 28.20 -18.33
C GLY B 152 11.49 28.63 -16.94
N ASP B 153 10.20 28.95 -16.82
CA ASP B 153 9.60 29.35 -15.56
C ASP B 153 9.33 28.08 -14.75
N LYS B 154 9.85 28.06 -13.52
CA LYS B 154 9.74 26.89 -12.65
C LYS B 154 8.57 27.06 -11.69
N ARG B 155 7.96 28.25 -11.65
CA ARG B 155 6.76 28.41 -10.82
C ARG B 155 5.69 27.43 -11.25
N ASP B 156 4.95 26.89 -10.26
CA ASP B 156 3.75 26.11 -10.55
C ASP B 156 4.08 24.90 -11.40
N THR B 157 5.20 24.23 -11.06
CA THR B 157 5.62 23.07 -11.82
C THR B 157 5.72 21.89 -10.88
N SER B 158 5.76 20.69 -11.47
CA SER B 158 6.20 19.48 -10.79
C SER B 158 6.97 18.64 -11.80
N THR B 159 7.27 17.38 -11.47
CA THR B 159 7.83 16.44 -12.44
C THR B 159 6.83 15.30 -12.59
N PRO B 160 6.84 14.60 -13.75
CA PRO B 160 5.97 13.44 -13.96
C PRO B 160 6.09 12.38 -12.88
N LYS B 161 7.33 12.14 -12.42
CA LYS B 161 7.60 11.13 -11.40
C LYS B 161 6.90 11.45 -10.08
N ALA B 162 7.14 12.66 -9.58
CA ALA B 162 6.59 13.13 -8.31
C ALA B 162 5.07 13.13 -8.35
N VAL B 163 4.53 13.50 -9.51
CA VAL B 163 3.09 13.52 -9.68
C VAL B 163 2.59 12.08 -9.50
N ALA B 164 3.22 11.14 -10.19
CA ALA B 164 2.82 9.74 -10.17
C ALA B 164 2.91 9.18 -8.75
N ASN B 165 4.06 9.40 -8.10
CA ASN B 165 4.31 8.96 -6.72
C ASN B 165 3.27 9.54 -5.77
N SER B 166 3.02 10.86 -5.87
CA SER B 166 2.01 11.50 -5.04
C SER B 166 0.61 10.89 -5.24
N LEU B 167 0.21 10.68 -6.51
CA LEU B 167 -1.13 10.13 -6.75
C LEU B 167 -1.26 8.74 -6.14
N ASN B 168 -0.19 7.94 -6.25
CA ASN B 168 -0.13 6.60 -5.71
C ASN B 168 -0.39 6.68 -4.19
N LYS B 169 0.29 7.59 -3.49
CA LYS B 169 0.15 7.71 -2.04
C LYS B 169 -1.26 8.14 -1.66
N LEU B 170 -1.88 9.01 -2.46
CA LEU B 170 -3.13 9.62 -2.09
C LEU B 170 -4.32 8.75 -2.50
N ALA B 171 -4.25 8.16 -3.70
CA ALA B 171 -5.36 7.45 -4.28
C ALA B 171 -5.34 5.99 -3.83
N LEU B 172 -4.14 5.44 -3.59
CA LEU B 172 -3.96 4.02 -3.34
C LEU B 172 -3.27 3.76 -2.00
N GLY B 173 -2.73 4.78 -1.32
CA GLY B 173 -1.91 4.59 -0.12
C GLY B 173 -2.67 4.94 1.17
N ASN B 174 -1.95 5.47 2.18
CA ASN B 174 -2.54 5.58 3.52
C ASN B 174 -2.57 7.01 4.06
N VAL B 175 -2.49 8.03 3.21
CA VAL B 175 -2.70 9.39 3.69
C VAL B 175 -4.17 9.60 4.10
N LEU B 176 -5.09 9.06 3.32
CA LEU B 176 -6.51 9.18 3.60
C LEU B 176 -6.95 7.87 4.20
N ASN B 177 -7.78 7.93 5.25
CA ASN B 177 -8.31 6.70 5.82
C ASN B 177 -9.24 6.06 4.79
N ALA B 178 -9.61 4.81 5.05
CA ALA B 178 -10.39 3.97 4.17
C ALA B 178 -11.64 4.68 3.64
N LYS B 179 -12.40 5.36 4.53
CA LYS B 179 -13.67 5.95 4.15
C LYS B 179 -13.44 7.14 3.20
N VAL B 180 -12.49 8.00 3.59
CA VAL B 180 -12.22 9.24 2.87
C VAL B 180 -11.47 8.94 1.55
N LYS B 181 -10.59 7.93 1.57
CA LYS B 181 -9.92 7.49 0.36
C LYS B 181 -10.97 7.04 -0.67
N ALA B 182 -12.00 6.32 -0.22
CA ALA B 182 -13.02 5.82 -1.14
C ALA B 182 -13.75 6.97 -1.82
N ILE B 183 -13.99 8.06 -1.08
CA ILE B 183 -14.63 9.25 -1.65
C ILE B 183 -13.69 9.87 -2.71
N TYR B 184 -12.41 9.95 -2.37
CA TYR B 184 -11.44 10.56 -3.26
C TYR B 184 -11.39 9.78 -4.57
N GLN B 185 -11.38 8.46 -4.51
CA GLN B 185 -11.35 7.61 -5.69
C GLN B 185 -12.60 7.83 -6.56
N ASN B 186 -13.77 7.97 -5.93
CA ASN B 186 -15.00 8.19 -6.67
C ASN B 186 -14.99 9.57 -7.33
N TRP B 187 -14.44 10.58 -6.66
CA TRP B 187 -14.24 11.87 -7.28
C TRP B 187 -13.36 11.73 -8.53
N LEU B 188 -12.24 11.00 -8.42
CA LEU B 188 -11.33 10.84 -9.56
C LEU B 188 -12.02 10.10 -10.71
N LYS B 189 -12.75 9.02 -10.38
CA LYS B 189 -13.50 8.25 -11.37
C LYS B 189 -14.55 9.10 -12.06
N GLY B 190 -15.10 10.15 -11.42
CA GLY B 190 -16.14 10.98 -12.03
C GLY B 190 -15.59 12.21 -12.81
N ASN B 191 -14.27 12.34 -12.94
CA ASN B 191 -13.69 13.47 -13.70
C ASN B 191 -14.34 13.52 -15.09
N THR B 192 -14.62 14.73 -15.60
CA THR B 192 -15.35 14.85 -16.86
C THR B 192 -14.47 15.32 -18.02
N THR B 193 -13.23 15.72 -17.76
CA THR B 193 -12.46 16.47 -18.75
C THR B 193 -11.41 15.60 -19.47
N GLY B 194 -11.44 14.29 -19.20
CA GLY B 194 -10.32 13.43 -19.54
C GLY B 194 -10.64 12.41 -20.64
N ASP B 195 -11.76 12.58 -21.35
CA ASP B 195 -12.23 11.54 -22.26
C ASP B 195 -11.26 11.27 -23.42
N ALA B 196 -10.52 12.29 -23.88
CA ALA B 196 -9.63 12.11 -25.02
C ALA B 196 -8.15 11.90 -24.62
N ARG B 197 -7.87 11.67 -23.33
CA ARG B 197 -6.48 11.58 -22.89
C ARG B 197 -6.16 10.16 -22.46
N ILE B 198 -5.85 9.96 -21.18
CA ILE B 198 -5.47 8.63 -20.74
C ILE B 198 -6.64 7.67 -20.93
N ARG B 199 -7.88 8.13 -20.66
CA ARG B 199 -9.05 7.26 -20.78
C ARG B 199 -9.13 6.68 -22.19
N ALA B 200 -8.73 7.46 -23.20
CA ALA B 200 -8.84 6.99 -24.58
C ALA B 200 -7.77 5.95 -24.89
N SER B 201 -6.82 5.69 -23.97
CA SER B 201 -5.71 4.79 -24.22
C SER B 201 -5.93 3.38 -23.64
N VAL B 202 -7.09 3.11 -23.03
CA VAL B 202 -7.27 1.84 -22.34
C VAL B 202 -8.60 1.19 -22.72
N PRO B 203 -8.71 -0.16 -22.56
CA PRO B 203 -9.98 -0.86 -22.79
C PRO B 203 -11.08 -0.14 -22.03
N ALA B 204 -12.26 -0.11 -22.65
CA ALA B 204 -13.45 0.56 -22.16
C ALA B 204 -13.90 0.02 -20.79
N ASP B 205 -13.57 -1.25 -20.49
CA ASP B 205 -14.03 -1.89 -19.27
C ASP B 205 -13.00 -1.78 -18.14
N TRP B 206 -11.88 -1.08 -18.40
CA TRP B 206 -11.03 -0.66 -17.29
C TRP B 206 -11.66 0.53 -16.59
N VAL B 207 -11.48 0.60 -15.28
CA VAL B 207 -11.99 1.71 -14.50
C VAL B 207 -10.85 2.72 -14.40
N VAL B 208 -11.16 3.99 -14.64
CA VAL B 208 -10.15 5.05 -14.62
C VAL B 208 -10.66 6.22 -13.79
N GLY B 209 -9.79 6.71 -12.90
CA GLY B 209 -9.93 8.04 -12.32
C GLY B 209 -8.76 8.91 -12.75
N ASP B 210 -9.04 10.15 -13.15
CA ASP B 210 -7.96 10.96 -13.67
C ASP B 210 -8.19 12.41 -13.28
N LYS B 211 -7.13 13.22 -13.51
CA LYS B 211 -7.28 14.67 -13.54
C LYS B 211 -6.41 15.27 -14.62
N THR B 212 -6.99 16.16 -15.44
CA THR B 212 -6.37 16.78 -16.60
C THR B 212 -5.93 18.18 -16.21
N GLY B 213 -5.08 18.78 -17.05
CA GLY B 213 -4.73 20.19 -17.01
C GLY B 213 -4.51 20.67 -18.45
N SER B 214 -4.94 21.91 -18.71
CA SER B 214 -4.83 22.57 -19.99
C SER B 214 -4.53 24.05 -19.75
N CYS B 215 -3.27 24.44 -19.87
CA CYS B 215 -2.83 25.79 -19.53
C CYS B 215 -3.43 26.81 -20.51
N GLY B 216 -3.72 26.38 -21.76
CA GLY B 216 -4.17 27.28 -22.81
C GLY B 216 -3.04 28.12 -23.42
N ALA B 217 -1.79 27.70 -23.27
CA ALA B 217 -0.68 28.45 -23.80
C ALA B 217 0.51 27.51 -23.90
N TYR B 218 1.37 27.76 -24.88
CA TYR B 218 2.57 26.99 -25.09
C TYR B 218 2.23 25.51 -25.26
N GLY B 219 1.08 25.23 -25.88
CA GLY B 219 0.62 23.87 -26.11
C GLY B 219 0.81 22.97 -24.89
N THR B 220 0.56 23.54 -23.69
CA THR B 220 0.87 22.88 -22.43
C THR B 220 -0.39 22.17 -21.90
N ALA B 221 -0.33 20.84 -21.77
CA ALA B 221 -1.45 20.07 -21.26
C ALA B 221 -0.96 18.77 -20.59
N ASN B 222 -1.80 18.19 -19.73
CA ASN B 222 -1.38 16.98 -19.04
C ASN B 222 -2.59 16.16 -18.57
N ASP B 223 -2.29 14.94 -18.07
CA ASP B 223 -3.26 14.05 -17.49
C ASP B 223 -2.49 13.08 -16.58
N TYR B 224 -3.06 12.81 -15.40
CA TYR B 224 -2.59 11.72 -14.55
C TYR B 224 -3.78 10.85 -14.17
N ALA B 225 -3.54 9.54 -13.99
CA ALA B 225 -4.65 8.62 -13.77
C ALA B 225 -4.22 7.44 -12.90
N VAL B 226 -5.18 6.99 -12.07
CA VAL B 226 -5.19 5.66 -11.49
C VAL B 226 -6.10 4.80 -12.35
N ILE B 227 -5.64 3.59 -12.64
CA ILE B 227 -6.31 2.71 -13.57
C ILE B 227 -6.44 1.34 -12.92
N TRP B 228 -7.70 0.88 -12.78
CA TRP B 228 -8.01 -0.45 -12.29
C TRP B 228 -8.32 -1.38 -13.45
N PRO B 229 -7.36 -2.20 -13.95
CA PRO B 229 -7.65 -3.17 -14.99
C PRO B 229 -8.48 -4.28 -14.36
N LYS B 230 -9.15 -5.03 -15.23
CA LYS B 230 -10.04 -6.10 -14.81
C LYS B 230 -9.15 -7.24 -14.31
N ASN B 231 -9.44 -7.70 -13.08
CA ASN B 231 -8.74 -8.79 -12.40
C ASN B 231 -7.21 -8.58 -12.36
N ARG B 232 -6.71 -7.47 -11.76
CA ARG B 232 -5.28 -7.16 -11.86
C ARG B 232 -4.96 -5.87 -11.12
N ALA B 233 -3.73 -5.78 -10.60
CA ALA B 233 -3.30 -4.65 -9.78
C ALA B 233 -3.42 -3.31 -10.53
N PRO B 234 -3.78 -2.21 -9.84
CA PRO B 234 -3.81 -0.87 -10.44
C PRO B 234 -2.52 -0.33 -11.06
N LEU B 235 -2.69 0.54 -12.08
CA LEU B 235 -1.59 1.24 -12.75
C LEU B 235 -1.69 2.72 -12.38
N ILE B 236 -0.56 3.40 -12.36
CA ILE B 236 -0.54 4.84 -12.21
C ILE B 236 0.20 5.43 -13.42
N VAL B 237 -0.39 6.45 -14.05
CA VAL B 237 0.11 7.00 -15.29
C VAL B 237 0.10 8.52 -15.16
N SER B 238 1.26 9.12 -15.43
CA SER B 238 1.43 10.56 -15.37
C SER B 238 2.02 11.06 -16.69
N ILE B 239 1.27 11.93 -17.40
CA ILE B 239 1.62 12.43 -18.73
C ILE B 239 1.56 13.96 -18.75
N TYR B 240 2.71 14.59 -19.06
CA TYR B 240 2.90 16.04 -19.13
C TYR B 240 3.51 16.41 -20.49
N THR B 241 3.06 17.55 -21.06
CA THR B 241 3.55 18.02 -22.35
C THR B 241 3.62 19.55 -22.35
N THR B 242 4.62 20.09 -23.07
CA THR B 242 4.72 21.52 -23.39
C THR B 242 5.12 21.62 -24.87
N ARG B 243 4.91 22.81 -25.45
CA ARG B 243 5.30 23.10 -26.82
C ARG B 243 6.10 24.41 -26.86
N LYS B 244 6.77 24.65 -28.00
CA LYS B 244 7.77 25.70 -28.16
C LYS B 244 7.16 27.11 -28.12
N SER B 245 6.05 27.33 -28.84
CA SER B 245 5.54 28.67 -29.11
C SER B 245 4.27 28.94 -28.31
N LYS B 246 4.03 30.22 -28.01
CA LYS B 246 2.94 30.66 -27.15
C LYS B 246 1.57 30.23 -27.71
N ASP B 247 1.46 30.27 -29.05
CA ASP B 247 0.22 30.11 -29.77
C ASP B 247 -0.03 28.64 -30.10
N ASP B 248 1.00 27.77 -30.02
CA ASP B 248 0.89 26.32 -30.17
C ASP B 248 -0.25 25.80 -29.29
N LYS B 249 -1.08 24.92 -29.86
CA LYS B 249 -2.22 24.36 -29.14
C LYS B 249 -1.84 22.98 -28.64
N HIS B 250 -2.58 22.49 -27.65
CA HIS B 250 -2.19 21.27 -26.97
C HIS B 250 -2.70 20.11 -27.82
N SER B 251 -2.21 18.90 -27.55
CA SER B 251 -2.56 17.72 -28.35
C SER B 251 -3.05 16.58 -27.44
N ASP B 252 -4.38 16.43 -27.33
CA ASP B 252 -5.01 15.34 -26.58
C ASP B 252 -4.50 13.99 -27.09
N LYS B 253 -4.38 13.88 -28.42
CA LYS B 253 -4.05 12.64 -29.09
C LYS B 253 -2.63 12.21 -28.76
N THR B 254 -1.70 13.19 -28.68
CA THR B 254 -0.34 12.96 -28.24
C THR B 254 -0.31 12.38 -26.82
N ILE B 255 -1.11 12.98 -25.92
CA ILE B 255 -1.20 12.53 -24.55
C ILE B 255 -1.71 11.10 -24.51
N ALA B 256 -2.78 10.83 -25.27
CA ALA B 256 -3.38 9.51 -25.29
C ALA B 256 -2.37 8.50 -25.83
N GLU B 257 -1.57 8.90 -26.84
CA GLU B 257 -0.64 7.98 -27.46
C GLU B 257 0.56 7.76 -26.52
N ALA B 258 0.99 8.81 -25.82
CA ALA B 258 2.04 8.65 -24.82
C ALA B 258 1.56 7.69 -23.73
N SER B 259 0.28 7.83 -23.34
CA SER B 259 -0.35 6.93 -22.39
C SER B 259 -0.25 5.46 -22.82
N ARG B 260 -0.74 5.18 -24.03
CA ARG B 260 -0.64 3.85 -24.63
C ARG B 260 0.79 3.34 -24.55
N ILE B 261 1.76 4.17 -24.96
CA ILE B 261 3.14 3.76 -24.93
C ILE B 261 3.62 3.48 -23.50
N ALA B 262 3.31 4.37 -22.57
CA ALA B 262 3.78 4.13 -21.20
C ALA B 262 3.21 2.82 -20.67
N ILE B 263 1.92 2.59 -20.93
CA ILE B 263 1.22 1.45 -20.34
C ILE B 263 1.82 0.14 -20.84
N GLN B 264 2.16 0.10 -22.15
CA GLN B 264 2.82 -1.02 -22.79
C GLN B 264 4.16 -1.29 -22.10
N ALA B 265 4.90 -0.24 -21.74
CA ALA B 265 6.20 -0.42 -21.13
C ALA B 265 6.14 -1.18 -19.79
N ILE B 266 5.02 -1.03 -19.03
CA ILE B 266 4.94 -1.55 -17.67
C ILE B 266 3.95 -2.71 -17.59
N ASP B 267 3.34 -3.09 -18.72
CA ASP B 267 2.23 -4.03 -18.70
C ASP B 267 2.76 -5.47 -18.78
#